data_6UIK
#
_entry.id   6UIK
#
_cell.length_a   134.263
_cell.length_b   46.880
_cell.length_c   112.842
_cell.angle_alpha   90.000
_cell.angle_beta   117.390
_cell.angle_gamma   90.000
#
_symmetry.space_group_name_H-M   'C 1 2 1'
#
loop_
_entity.id
_entity.type
_entity.pdbx_description
1 polymer 'WD repeat domanin 5'
2 non-polymer 5-bromo-3-chloro-N-(1-cyclopentyl-1H-imidazol-4-yl)-2-hydroxybenzene-1-sulfonamide
3 water water
#
_entity_poly.entity_id   1
_entity_poly.type   'polypeptide(L)'
_entity_poly.pdbx_seq_one_letter_code
;VKPNYALKFTLAGHTKAVSSVKFSPNGEWLASSSADKLIKIWGAYDGKFEKTISGHKLGISDVAWSSDSNLLVSASDDKT
LKIWDVSSGKCLKTLKGHSNYVFCCNFNPQSNLIVSGSFDESVRIWDVKTGKCLKTLPAHSDPVSAVHFNRDGSLIVSSS
YDGLCRIWDTASGQCLKTLIDDDNPPVSFVKFSPNGKYILAATLDNTLKLWDYSKGKCLKTYTGHKNEKYCIFANFSVTG
GKWIVSGSEDNLVYIWNLQTKEIVQKLQGHTDVVISTACHPTENIIASAALENDKTIKLWKSDC
;
_entity_poly.pdbx_strand_id   A,B
#
loop_
_chem_comp.id
_chem_comp.type
_chem_comp.name
_chem_comp.formula
Q8M non-polymer 5-bromo-3-chloro-N-(1-cyclopentyl-1H-imidazol-4-yl)-2-hydroxybenzene-1-sulfonamide 'C14 H15 Br Cl N3 O3 S'
#
# COMPACT_ATOMS: atom_id res chain seq x y z
N LYS A 2 12.34 21.41 17.46
CA LYS A 2 13.50 20.53 17.35
C LYS A 2 13.27 19.21 18.11
N PRO A 3 13.74 18.11 17.55
CA PRO A 3 13.70 16.83 18.28
C PRO A 3 14.76 16.82 19.39
N ASN A 4 14.64 15.83 20.27
CA ASN A 4 15.55 15.66 21.39
C ASN A 4 15.99 14.20 21.50
N TYR A 5 16.48 13.66 20.37
CA TYR A 5 16.97 12.29 20.35
C TYR A 5 18.05 12.09 21.40
N ALA A 6 17.86 11.06 22.23
CA ALA A 6 18.81 10.71 23.27
C ALA A 6 19.15 9.24 23.13
N LEU A 7 20.39 8.91 23.48
CA LEU A 7 20.87 7.54 23.31
C LEU A 7 20.21 6.62 24.33
N LYS A 8 19.70 5.48 23.86
CA LYS A 8 19.04 4.51 24.73
C LYS A 8 19.78 3.18 24.81
N PHE A 9 20.38 2.72 23.71
CA PHE A 9 21.06 1.44 23.68
C PHE A 9 22.22 1.51 22.69
N THR A 10 23.30 0.80 23.02
CA THR A 10 24.43 0.63 22.13
C THR A 10 24.66 -0.86 21.93
N LEU A 11 24.71 -1.28 20.67
CA LEU A 11 24.72 -2.68 20.27
C LEU A 11 26.06 -3.02 19.61
N ALA A 12 26.59 -4.19 19.94
CA ALA A 12 27.84 -4.65 19.36
C ALA A 12 27.70 -6.10 18.94
N GLY A 13 28.49 -6.50 17.93
CA GLY A 13 28.51 -7.89 17.53
C GLY A 13 29.16 -8.13 16.20
N HIS A 14 28.96 -7.23 15.24
CA HIS A 14 29.64 -7.38 13.96
C HIS A 14 31.14 -7.25 14.16
N THR A 15 31.90 -7.91 13.30
CA THR A 15 33.35 -7.96 13.46
C THR A 15 34.09 -7.22 12.36
N LYS A 16 33.38 -6.68 11.37
CA LYS A 16 33.93 -5.73 10.42
C LYS A 16 32.93 -4.60 10.27
N ALA A 17 33.29 -3.63 9.42
CA ALA A 17 32.43 -2.48 9.18
C ALA A 17 30.97 -2.86 8.94
N VAL A 18 30.06 -2.13 9.58
CA VAL A 18 28.65 -2.24 9.28
C VAL A 18 28.38 -1.48 8.00
N SER A 19 27.46 -1.97 7.16
CA SER A 19 27.15 -1.30 5.90
C SER A 19 25.74 -0.73 5.83
N SER A 20 24.79 -1.29 6.57
N SER A 20 24.79 -1.31 6.56
CA SER A 20 23.40 -0.88 6.42
CA SER A 20 23.41 -0.84 6.46
C SER A 20 22.60 -1.34 7.64
C SER A 20 22.64 -1.30 7.68
N VAL A 21 21.66 -0.49 8.08
CA VAL A 21 20.69 -0.85 9.10
C VAL A 21 19.30 -0.51 8.55
N LYS A 22 18.32 -1.37 8.83
CA LYS A 22 16.94 -1.18 8.34
C LYS A 22 15.96 -1.71 9.37
N PHE A 23 14.95 -0.92 9.72
CA PHE A 23 13.85 -1.38 10.56
C PHE A 23 12.84 -2.16 9.74
N SER A 24 12.33 -3.25 10.31
CA SER A 24 11.28 -3.99 9.61
C SER A 24 10.01 -3.12 9.55
N PRO A 25 9.22 -3.30 8.50
CA PRO A 25 7.99 -2.50 8.36
C PRO A 25 7.00 -2.67 9.50
N ASN A 26 7.02 -3.81 10.21
CA ASN A 26 6.12 -3.98 11.34
C ASN A 26 6.71 -3.41 12.64
N GLY A 27 7.90 -2.80 12.56
CA GLY A 27 8.49 -2.10 13.67
C GLY A 27 9.16 -2.98 14.70
N GLU A 28 9.13 -4.30 14.52
CA GLU A 28 9.57 -5.22 15.56
C GLU A 28 11.08 -5.39 15.60
N TRP A 29 11.76 -5.21 14.46
CA TRP A 29 13.14 -5.64 14.31
C TRP A 29 14.00 -4.59 13.63
N LEU A 30 15.30 -4.64 13.92
CA LEU A 30 16.33 -3.96 13.15
C LEU A 30 17.21 -5.02 12.51
N ALA A 31 17.48 -4.90 11.22
CA ALA A 31 18.43 -5.76 10.54
C ALA A 31 19.68 -4.95 10.25
N SER A 32 20.85 -5.54 10.44
CA SER A 32 22.09 -4.91 10.05
C SER A 32 22.86 -5.83 9.10
N SER A 33 23.61 -5.22 8.18
CA SER A 33 24.51 -5.97 7.32
C SER A 33 25.94 -5.46 7.50
N SER A 34 26.90 -6.29 7.12
CA SER A 34 28.28 -5.95 7.41
C SER A 34 29.24 -6.58 6.41
N ALA A 35 30.43 -5.98 6.31
CA ALA A 35 31.53 -6.57 5.59
C ALA A 35 31.97 -7.91 6.16
N ASP A 36 31.56 -8.25 7.39
CA ASP A 36 31.86 -9.55 7.95
C ASP A 36 31.01 -10.68 7.36
N LYS A 37 30.23 -10.41 6.31
CA LYS A 37 29.43 -11.37 5.53
C LYS A 37 28.16 -11.78 6.26
N LEU A 38 27.80 -11.13 7.36
CA LEU A 38 26.66 -11.52 8.17
C LEU A 38 25.54 -10.49 8.14
N ILE A 39 24.32 -10.98 8.35
CA ILE A 39 23.16 -10.17 8.69
C ILE A 39 22.86 -10.45 10.17
N LYS A 40 22.59 -9.41 10.94
CA LYS A 40 22.14 -9.62 12.31
C LYS A 40 20.78 -8.98 12.53
N ILE A 41 19.97 -9.63 13.36
CA ILE A 41 18.62 -9.17 13.69
C ILE A 41 18.61 -8.78 15.16
N TRP A 42 18.04 -7.61 15.46
CA TRP A 42 17.99 -7.05 16.80
C TRP A 42 16.57 -6.60 17.10
N GLY A 43 16.19 -6.65 18.38
CA GLY A 43 14.91 -6.09 18.79
C GLY A 43 14.93 -4.59 18.54
N ALA A 44 13.89 -4.07 17.88
CA ALA A 44 13.86 -2.65 17.53
C ALA A 44 13.76 -1.74 18.74
N TYR A 45 13.16 -2.22 19.84
CA TYR A 45 12.83 -1.35 20.96
C TYR A 45 13.87 -1.36 22.07
N ASP A 46 14.51 -2.51 22.32
CA ASP A 46 15.52 -2.58 23.37
C ASP A 46 16.86 -3.09 22.85
N GLY A 47 16.99 -3.30 21.54
CA GLY A 47 18.24 -3.70 20.93
C GLY A 47 18.65 -5.13 21.21
N LYS A 48 17.77 -5.93 21.79
CA LYS A 48 18.15 -7.28 22.17
C LYS A 48 18.51 -8.10 20.94
N PHE A 49 19.71 -8.68 20.96
CA PHE A 49 20.15 -9.51 19.85
C PHE A 49 19.21 -10.70 19.66
N GLU A 50 18.82 -10.95 18.42
CA GLU A 50 17.92 -12.06 18.09
C GLU A 50 18.64 -13.19 17.36
N LYS A 51 19.29 -12.91 16.22
CA LYS A 51 19.93 -13.99 15.49
C LYS A 51 20.92 -13.44 14.47
N THR A 52 21.82 -14.32 14.05
CA THR A 52 22.74 -14.08 12.93
C THR A 52 22.31 -14.91 11.73
N ILE A 53 22.33 -14.30 10.55
CA ILE A 53 21.95 -14.95 9.31
C ILE A 53 23.17 -14.96 8.39
N SER A 54 23.57 -16.16 7.95
CA SER A 54 24.85 -16.32 7.28
C SER A 54 24.70 -17.14 6.00
N GLY A 55 25.67 -16.95 5.09
CA GLY A 55 25.67 -17.70 3.85
C GLY A 55 26.39 -17.02 2.70
N HIS A 56 26.39 -15.69 2.67
CA HIS A 56 27.18 -15.00 1.65
C HIS A 56 28.67 -15.34 1.82
N LYS A 57 29.38 -15.37 0.71
CA LYS A 57 30.80 -15.72 0.71
C LYS A 57 31.70 -14.51 0.87
N LEU A 58 31.17 -13.32 0.68
CA LEU A 58 31.91 -12.07 0.84
C LEU A 58 30.99 -11.07 1.54
N GLY A 59 31.51 -9.88 1.79
CA GLY A 59 30.79 -8.90 2.59
C GLY A 59 29.50 -8.44 1.93
N ILE A 60 28.66 -7.83 2.76
CA ILE A 60 27.31 -7.42 2.35
C ILE A 60 27.22 -5.91 2.39
N SER A 61 26.67 -5.30 1.33
CA SER A 61 26.54 -3.85 1.26
C SER A 61 25.18 -3.33 1.71
N ASP A 62 24.14 -4.15 1.62
CA ASP A 62 22.79 -3.64 1.83
C ASP A 62 21.87 -4.81 2.16
N VAL A 63 20.82 -4.51 2.92
N VAL A 63 20.80 -4.52 2.89
CA VAL A 63 19.75 -5.45 3.21
CA VAL A 63 19.76 -5.49 3.21
C VAL A 63 18.43 -4.71 3.14
C VAL A 63 18.43 -4.74 3.24
N ALA A 64 17.35 -5.44 2.86
CA ALA A 64 16.05 -4.80 2.79
C ALA A 64 14.96 -5.80 3.13
N TRP A 65 13.87 -5.30 3.69
CA TRP A 65 12.76 -6.10 4.19
C TRP A 65 11.61 -6.16 3.18
N SER A 66 10.94 -7.32 3.15
CA SER A 66 9.63 -7.38 2.50
C SER A 66 8.58 -6.65 3.32
N SER A 67 7.46 -6.31 2.67
CA SER A 67 6.45 -5.48 3.34
C SER A 67 5.80 -6.21 4.51
N ASP A 68 5.74 -7.55 4.48
CA ASP A 68 5.19 -8.31 5.59
C ASP A 68 6.22 -8.66 6.66
N SER A 69 7.43 -8.10 6.55
CA SER A 69 8.56 -8.30 7.47
C SER A 69 9.01 -9.74 7.57
N ASN A 70 8.61 -10.61 6.64
CA ASN A 70 8.97 -12.02 6.74
C ASN A 70 10.20 -12.40 5.93
N LEU A 71 10.56 -11.59 4.93
CA LEU A 71 11.72 -11.86 4.11
C LEU A 71 12.74 -10.72 4.21
N LEU A 72 14.02 -11.06 4.03
CA LEU A 72 15.06 -10.09 3.78
C LEU A 72 15.70 -10.40 2.43
N VAL A 73 16.22 -9.37 1.76
CA VAL A 73 17.12 -9.57 0.64
C VAL A 73 18.43 -8.86 0.99
N SER A 74 19.55 -9.47 0.63
CA SER A 74 20.86 -8.89 0.86
C SER A 74 21.62 -8.79 -0.46
N ALA A 75 22.51 -7.81 -0.54
CA ALA A 75 23.32 -7.55 -1.72
C ALA A 75 24.78 -7.69 -1.34
N SER A 76 25.54 -8.52 -2.07
CA SER A 76 26.87 -8.91 -1.59
C SER A 76 27.96 -8.72 -2.64
N ASP A 77 29.19 -8.55 -2.14
CA ASP A 77 30.36 -8.57 -3.01
C ASP A 77 30.56 -9.91 -3.71
N ASP A 78 29.86 -10.97 -3.29
CA ASP A 78 30.00 -12.25 -3.98
C ASP A 78 29.20 -12.28 -5.29
N LYS A 79 28.67 -11.13 -5.71
CA LYS A 79 27.97 -10.87 -6.96
C LYS A 79 26.54 -11.40 -6.93
N THR A 80 26.06 -11.87 -5.79
CA THR A 80 24.71 -12.39 -5.68
C THR A 80 23.89 -11.54 -4.71
N LEU A 81 22.58 -11.64 -4.86
CA LEU A 81 21.65 -11.32 -3.79
C LEU A 81 21.13 -12.62 -3.21
N LYS A 82 20.75 -12.58 -1.94
CA LYS A 82 20.09 -13.74 -1.34
C LYS A 82 18.78 -13.29 -0.72
N ILE A 83 17.76 -14.14 -0.89
CA ILE A 83 16.47 -13.94 -0.24
C ILE A 83 16.43 -14.85 0.98
N TRP A 84 16.12 -14.27 2.13
CA TRP A 84 16.13 -15.01 3.39
C TRP A 84 14.75 -15.10 4.03
N ASP A 85 14.43 -16.26 4.58
CA ASP A 85 13.30 -16.36 5.50
C ASP A 85 13.79 -15.94 6.87
N VAL A 86 13.26 -14.82 7.38
CA VAL A 86 13.79 -14.27 8.63
C VAL A 86 13.55 -15.21 9.80
N SER A 87 12.38 -15.85 9.86
CA SER A 87 12.05 -16.68 11.02
C SER A 87 12.98 -17.90 11.11
N SER A 88 13.33 -18.49 9.97
CA SER A 88 14.19 -19.66 9.96
C SER A 88 15.66 -19.34 9.77
N GLY A 89 15.99 -18.15 9.28
CA GLY A 89 17.34 -17.84 8.87
C GLY A 89 17.79 -18.49 7.58
N LYS A 90 16.92 -19.23 6.89
CA LYS A 90 17.33 -20.00 5.72
C LYS A 90 17.39 -19.12 4.48
N CYS A 91 18.34 -19.42 3.60
CA CYS A 91 18.39 -18.78 2.30
C CYS A 91 17.39 -19.47 1.37
N LEU A 92 16.38 -18.72 0.92
CA LEU A 92 15.35 -19.28 0.04
C LEU A 92 15.80 -19.30 -1.41
N LYS A 93 16.49 -18.25 -1.86
CA LYS A 93 16.92 -18.11 -3.24
C LYS A 93 18.24 -17.35 -3.26
N THR A 94 19.11 -17.71 -4.21
CA THR A 94 20.28 -16.91 -4.53
C THR A 94 20.09 -16.34 -5.93
N LEU A 95 20.15 -15.02 -6.04
CA LEU A 95 19.85 -14.31 -7.28
C LEU A 95 21.18 -14.08 -8.02
N LYS A 96 21.40 -14.83 -9.09
CA LYS A 96 22.66 -14.78 -9.82
C LYS A 96 22.45 -14.10 -11.16
N GLY A 97 23.41 -13.27 -11.55
CA GLY A 97 23.33 -12.56 -12.81
C GLY A 97 24.27 -11.38 -12.94
N HIS A 98 24.40 -10.61 -11.87
CA HIS A 98 25.34 -9.50 -11.87
C HIS A 98 26.76 -10.02 -12.10
N SER A 99 27.58 -9.21 -12.77
CA SER A 99 28.95 -9.59 -13.08
C SER A 99 29.96 -8.98 -12.13
N ASN A 100 29.51 -8.26 -11.10
CA ASN A 100 30.42 -7.69 -10.11
C ASN A 100 29.63 -7.44 -8.83
N TYR A 101 30.27 -6.79 -7.86
CA TYR A 101 29.64 -6.57 -6.56
C TYR A 101 28.22 -6.03 -6.68
N VAL A 102 27.31 -6.57 -5.88
CA VAL A 102 25.98 -6.00 -5.78
C VAL A 102 25.98 -5.03 -4.60
N PHE A 103 25.59 -3.78 -4.86
CA PHE A 103 25.73 -2.68 -3.91
C PHE A 103 24.44 -2.28 -3.21
N CYS A 104 23.28 -2.53 -3.81
CA CYS A 104 22.05 -1.99 -3.26
C CYS A 104 20.88 -2.87 -3.68
N CYS A 105 19.83 -2.88 -2.85
CA CYS A 105 18.67 -3.72 -3.16
C CYS A 105 17.44 -3.19 -2.43
N ASN A 106 16.27 -3.59 -2.94
CA ASN A 106 15.01 -3.21 -2.32
C ASN A 106 13.90 -4.07 -2.88
N PHE A 107 12.90 -4.40 -2.05
CA PHE A 107 11.65 -4.98 -2.51
C PHE A 107 10.73 -3.88 -3.01
N ASN A 108 9.83 -4.21 -3.94
CA ASN A 108 8.74 -3.28 -4.18
C ASN A 108 7.71 -3.42 -3.06
N PRO A 109 6.78 -2.46 -2.95
CA PRO A 109 5.77 -2.57 -1.87
C PRO A 109 5.00 -3.87 -1.90
N GLN A 110 4.61 -4.32 -3.09
CA GLN A 110 3.95 -5.61 -3.23
C GLN A 110 4.83 -6.77 -2.78
N SER A 111 6.15 -6.57 -2.82
CA SER A 111 7.19 -7.54 -2.46
C SER A 111 7.17 -8.80 -3.33
N ASN A 112 6.64 -8.69 -4.54
CA ASN A 112 6.82 -9.74 -5.54
C ASN A 112 8.06 -9.51 -6.39
N LEU A 113 8.68 -8.32 -6.31
CA LEU A 113 9.87 -7.99 -7.08
C LEU A 113 10.97 -7.49 -6.16
N ILE A 114 12.21 -7.73 -6.57
CA ILE A 114 13.39 -7.10 -5.98
C ILE A 114 14.10 -6.33 -7.07
N VAL A 115 14.61 -5.14 -6.73
CA VAL A 115 15.45 -4.37 -7.62
C VAL A 115 16.85 -4.34 -7.01
N SER A 116 17.87 -4.42 -7.87
CA SER A 116 19.25 -4.43 -7.42
C SER A 116 20.09 -3.50 -8.30
N GLY A 117 21.15 -2.97 -7.72
CA GLY A 117 22.14 -2.23 -8.49
C GLY A 117 23.54 -2.70 -8.14
N SER A 118 24.44 -2.58 -9.11
CA SER A 118 25.73 -3.26 -9.00
C SER A 118 26.86 -2.37 -9.50
N PHE A 119 28.06 -2.72 -9.04
CA PHE A 119 29.29 -2.18 -9.63
C PHE A 119 29.35 -2.42 -11.14
N ASP A 120 28.66 -3.45 -11.64
CA ASP A 120 28.66 -3.74 -13.06
C ASP A 120 27.83 -2.75 -13.87
N GLU A 121 27.26 -1.72 -13.23
CA GLU A 121 26.63 -0.53 -13.84
C GLU A 121 25.20 -0.83 -14.29
N SER A 122 24.69 -2.00 -13.97
CA SER A 122 23.33 -2.38 -14.34
C SER A 122 22.40 -2.33 -13.13
N VAL A 123 21.11 -2.22 -13.44
CA VAL A 123 20.01 -2.40 -12.50
C VAL A 123 19.28 -3.66 -12.94
N ARG A 124 19.02 -4.57 -12.00
CA ARG A 124 18.28 -5.77 -12.37
C ARG A 124 16.99 -5.84 -11.56
N ILE A 125 15.96 -6.40 -12.18
CA ILE A 125 14.66 -6.60 -11.54
C ILE A 125 14.41 -8.10 -11.49
N TRP A 126 14.12 -8.61 -10.30
CA TRP A 126 14.03 -10.04 -10.05
C TRP A 126 12.65 -10.44 -9.56
N ASP A 127 12.22 -11.64 -9.97
CA ASP A 127 11.01 -12.24 -9.43
C ASP A 127 11.32 -12.91 -8.08
N VAL A 128 10.63 -12.49 -7.03
CA VAL A 128 10.88 -13.02 -5.69
C VAL A 128 10.55 -14.51 -5.62
N LYS A 129 9.40 -14.90 -6.21
CA LYS A 129 8.94 -16.28 -6.07
C LYS A 129 9.92 -17.26 -6.72
N THR A 130 10.35 -16.97 -7.94
CA THR A 130 11.20 -17.90 -8.69
C THR A 130 12.68 -17.61 -8.56
N GLY A 131 13.04 -16.39 -8.15
CA GLY A 131 14.43 -15.98 -8.14
C GLY A 131 15.00 -15.64 -9.51
N LYS A 132 14.17 -15.63 -10.55
CA LYS A 132 14.65 -15.37 -11.90
C LYS A 132 14.81 -13.87 -12.15
N CYS A 133 15.81 -13.51 -12.95
CA CYS A 133 15.97 -12.11 -13.31
C CYS A 133 15.03 -11.81 -14.47
N LEU A 134 14.13 -10.84 -14.27
CA LEU A 134 13.13 -10.49 -15.26
C LEU A 134 13.64 -9.47 -16.27
N LYS A 135 14.41 -8.50 -15.80
CA LYS A 135 14.94 -7.44 -16.66
C LYS A 135 16.33 -7.05 -16.19
N THR A 136 17.19 -6.75 -17.15
CA THR A 136 18.49 -6.13 -16.89
C THR A 136 18.48 -4.78 -17.59
N LEU A 137 18.61 -3.71 -16.82
CA LEU A 137 18.58 -2.38 -17.38
C LEU A 137 20.01 -1.85 -17.49
N PRO A 138 20.44 -1.40 -18.67
CA PRO A 138 21.75 -0.76 -18.84
C PRO A 138 21.71 0.65 -18.29
N ALA A 139 21.65 0.72 -16.96
CA ALA A 139 21.13 1.90 -16.27
C ALA A 139 22.12 3.05 -16.20
N HIS A 140 23.41 2.76 -16.05
CA HIS A 140 24.39 3.78 -15.72
C HIS A 140 25.73 3.43 -16.36
N SER A 141 26.68 4.36 -16.26
CA SER A 141 28.01 4.18 -16.83
C SER A 141 29.08 4.13 -15.75
N ASP A 142 28.66 3.86 -14.52
CA ASP A 142 29.54 3.69 -13.37
C ASP A 142 28.73 2.92 -12.31
N PRO A 143 29.37 2.50 -11.22
CA PRO A 143 28.64 1.70 -10.22
C PRO A 143 27.33 2.34 -9.79
N VAL A 144 26.31 1.50 -9.61
CA VAL A 144 24.99 1.93 -9.16
C VAL A 144 24.97 1.94 -7.64
N SER A 145 24.70 3.11 -7.07
CA SER A 145 24.82 3.30 -5.63
C SER A 145 23.53 3.08 -4.85
N ALA A 146 22.37 3.22 -5.48
CA ALA A 146 21.10 3.03 -4.78
C ALA A 146 20.00 2.73 -5.79
N VAL A 147 18.99 1.99 -5.33
CA VAL A 147 17.78 1.65 -6.11
C VAL A 147 16.60 1.60 -5.15
N HIS A 148 15.46 2.15 -5.57
CA HIS A 148 14.32 2.27 -4.66
C HIS A 148 13.05 2.31 -5.50
N PHE A 149 12.02 1.60 -5.03
CA PHE A 149 10.70 1.67 -5.63
C PHE A 149 9.88 2.81 -5.02
N ASN A 150 8.97 3.37 -5.81
CA ASN A 150 8.06 4.38 -5.27
C ASN A 150 6.90 3.68 -4.54
N ARG A 151 5.96 4.48 -4.02
CA ARG A 151 5.02 3.94 -3.04
C ARG A 151 4.02 2.97 -3.65
N ASP A 152 3.76 3.02 -4.95
CA ASP A 152 2.87 2.04 -5.54
C ASP A 152 3.61 0.98 -6.37
N GLY A 153 4.94 1.02 -6.40
CA GLY A 153 5.71 0.04 -7.13
C GLY A 153 5.88 0.30 -8.62
N SER A 154 5.26 1.34 -9.16
CA SER A 154 5.24 1.53 -10.61
C SER A 154 6.52 2.18 -11.13
N LEU A 155 7.31 2.78 -10.25
CA LEU A 155 8.55 3.44 -10.66
C LEU A 155 9.70 2.97 -9.80
N ILE A 156 10.90 2.98 -10.42
CA ILE A 156 12.18 2.77 -9.75
C ILE A 156 13.02 4.01 -9.93
N VAL A 157 13.74 4.42 -8.88
CA VAL A 157 14.77 5.45 -9.01
C VAL A 157 16.13 4.80 -8.75
N SER A 158 17.12 5.16 -9.57
CA SER A 158 18.47 4.66 -9.39
C SER A 158 19.44 5.84 -9.37
N SER A 159 20.57 5.65 -8.69
CA SER A 159 21.63 6.65 -8.66
C SER A 159 22.96 5.97 -8.93
N SER A 160 23.94 6.77 -9.34
CA SER A 160 25.22 6.21 -9.73
C SER A 160 26.35 7.22 -9.53
N TYR A 161 27.54 6.67 -9.36
CA TYR A 161 28.76 7.46 -9.37
C TYR A 161 28.95 8.19 -10.69
N ASP A 162 28.20 7.84 -11.74
CA ASP A 162 28.30 8.57 -13.01
C ASP A 162 27.66 9.95 -12.94
N GLY A 163 27.07 10.31 -11.79
CA GLY A 163 26.49 11.61 -11.55
C GLY A 163 25.00 11.72 -11.79
N LEU A 164 24.35 10.64 -12.21
CA LEU A 164 22.96 10.69 -12.63
C LEU A 164 22.03 10.04 -11.62
N CYS A 165 20.81 10.56 -11.57
CA CYS A 165 19.66 9.91 -10.98
C CYS A 165 18.72 9.60 -12.13
N ARG A 166 18.19 8.38 -12.19
CA ARG A 166 17.27 8.03 -13.27
C ARG A 166 15.98 7.45 -12.71
N ILE A 167 14.87 7.79 -13.35
CA ILE A 167 13.54 7.26 -13.02
C ILE A 167 13.15 6.25 -14.08
N TRP A 168 12.75 5.06 -13.66
CA TRP A 168 12.42 3.97 -14.57
C TRP A 168 10.98 3.54 -14.37
N ASP A 169 10.31 3.20 -15.48
CA ASP A 169 9.03 2.52 -15.41
C ASP A 169 9.28 1.04 -15.11
N THR A 170 8.73 0.57 -13.98
CA THR A 170 9.00 -0.79 -13.54
C THR A 170 8.59 -1.82 -14.59
N ALA A 171 7.38 -1.66 -15.13
CA ALA A 171 6.80 -2.68 -15.99
C ALA A 171 7.54 -2.77 -17.33
N SER A 172 7.96 -1.63 -17.89
CA SER A 172 8.56 -1.63 -19.20
C SER A 172 10.09 -1.58 -19.17
N GLY A 173 10.68 -1.15 -18.06
CA GLY A 173 12.11 -0.95 -17.99
C GLY A 173 12.60 0.30 -18.69
N GLN A 174 11.71 1.17 -19.14
CA GLN A 174 12.13 2.37 -19.85
C GLN A 174 12.53 3.48 -18.88
N CYS A 175 13.54 4.26 -19.28
CA CYS A 175 13.93 5.42 -18.49
C CYS A 175 13.02 6.60 -18.80
N LEU A 176 12.29 7.05 -17.79
CA LEU A 176 11.37 8.16 -17.96
C LEU A 176 12.00 9.52 -17.70
N LYS A 177 13.12 9.57 -16.98
CA LYS A 177 13.69 10.85 -16.58
C LYS A 177 15.12 10.65 -16.11
N THR A 178 15.99 11.57 -16.53
CA THR A 178 17.37 11.64 -16.07
C THR A 178 17.61 13.02 -15.45
N LEU A 179 18.05 13.04 -14.20
CA LEU A 179 18.35 14.27 -13.47
C LEU A 179 19.85 14.55 -13.52
N ILE A 180 20.21 15.78 -13.87
CA ILE A 180 21.58 16.16 -14.22
C ILE A 180 22.04 17.34 -13.38
N ASP A 181 23.34 17.34 -13.04
CA ASP A 181 23.99 18.45 -12.34
C ASP A 181 25.26 18.82 -13.08
N ASP A 182 25.51 20.13 -13.23
CA ASP A 182 26.61 20.61 -14.05
C ASP A 182 27.96 20.08 -13.58
N ASP A 183 28.25 20.20 -12.29
CA ASP A 183 29.53 19.73 -11.77
C ASP A 183 29.58 18.21 -11.67
N ASN A 184 28.45 17.53 -11.90
CA ASN A 184 28.35 16.08 -12.03
C ASN A 184 28.98 15.31 -10.87
N PRO A 185 28.74 15.67 -9.61
CA PRO A 185 29.34 14.90 -8.53
C PRO A 185 28.74 13.51 -8.48
N PRO A 186 29.51 12.51 -8.07
CA PRO A 186 28.95 11.17 -7.89
C PRO A 186 27.73 11.22 -6.98
N VAL A 187 26.68 10.50 -7.37
CA VAL A 187 25.49 10.37 -6.54
C VAL A 187 25.62 9.07 -5.76
N SER A 188 25.60 9.19 -4.44
CA SER A 188 25.90 8.06 -3.56
C SER A 188 24.64 7.44 -2.97
N PHE A 189 23.50 8.11 -3.07
CA PHE A 189 22.27 7.57 -2.52
C PHE A 189 21.09 8.30 -3.13
N VAL A 190 19.97 7.59 -3.30
CA VAL A 190 18.73 8.23 -3.70
C VAL A 190 17.57 7.39 -3.18
N LYS A 191 16.45 8.06 -2.89
CA LYS A 191 15.20 7.35 -2.59
C LYS A 191 14.03 8.28 -2.84
N PHE A 192 12.88 7.68 -3.10
CA PHE A 192 11.65 8.45 -3.22
C PHE A 192 11.20 9.00 -1.88
N SER A 193 10.53 10.15 -1.92
CA SER A 193 9.95 10.73 -0.71
C SER A 193 8.71 9.95 -0.30
N PRO A 194 8.26 10.11 0.94
CA PRO A 194 7.06 9.37 1.37
C PRO A 194 5.86 9.53 0.45
N ASN A 195 5.59 10.74 -0.03
CA ASN A 195 4.43 10.97 -0.89
C ASN A 195 4.70 10.65 -2.36
N GLY A 196 5.92 10.21 -2.70
CA GLY A 196 6.25 9.77 -4.05
C GLY A 196 6.52 10.86 -5.04
N LYS A 197 6.39 12.13 -4.66
CA LYS A 197 6.53 13.24 -5.59
C LYS A 197 7.96 13.73 -5.73
N TYR A 198 8.83 13.41 -4.77
CA TYR A 198 10.18 13.92 -4.74
C TYR A 198 11.17 12.78 -4.62
N ILE A 199 12.44 13.08 -4.89
CA ILE A 199 13.51 12.15 -4.57
C ILE A 199 14.57 12.89 -3.78
N LEU A 200 15.15 12.20 -2.81
CA LEU A 200 16.21 12.73 -1.97
C LEU A 200 17.50 12.08 -2.45
N ALA A 201 18.49 12.89 -2.81
CA ALA A 201 19.71 12.40 -3.42
C ALA A 201 20.91 12.93 -2.65
N ALA A 202 21.82 12.05 -2.28
CA ALA A 202 23.09 12.43 -1.69
C ALA A 202 24.16 12.44 -2.76
N THR A 203 25.00 13.47 -2.76
CA THR A 203 26.15 13.52 -3.64
C THR A 203 27.41 13.66 -2.79
N LEU A 204 28.54 13.19 -3.34
CA LEU A 204 29.81 13.13 -2.59
C LEU A 204 30.51 14.47 -2.56
N ASP A 205 29.73 15.54 -2.50
CA ASP A 205 30.20 16.88 -2.24
C ASP A 205 29.52 17.45 -1.00
N ASN A 206 29.24 16.59 -0.02
CA ASN A 206 28.70 17.04 1.27
C ASN A 206 27.33 17.69 1.11
N THR A 207 26.50 17.15 0.22
CA THR A 207 25.22 17.78 -0.11
C THR A 207 24.12 16.75 -0.27
N LEU A 208 22.97 17.01 0.35
CA LEU A 208 21.73 16.31 0.10
C LEU A 208 20.78 17.25 -0.64
N LYS A 209 20.04 16.73 -1.61
CA LYS A 209 19.11 17.55 -2.39
C LYS A 209 17.76 16.86 -2.50
N LEU A 210 16.69 17.65 -2.38
CA LEU A 210 15.31 17.17 -2.56
C LEU A 210 14.83 17.67 -3.92
N TRP A 211 14.62 16.74 -4.85
CA TRP A 211 14.26 17.09 -6.22
C TRP A 211 12.78 16.80 -6.47
N ASP A 212 12.12 17.72 -7.14
CA ASP A 212 10.85 17.38 -7.81
C ASP A 212 11.24 16.80 -9.16
N TYR A 213 11.16 15.48 -9.29
CA TYR A 213 11.69 14.86 -10.50
C TYR A 213 10.79 15.05 -11.71
N SER A 214 9.49 15.32 -11.50
CA SER A 214 8.62 15.68 -12.62
C SER A 214 9.06 17.00 -13.23
N LYS A 215 9.28 18.01 -12.41
CA LYS A 215 9.71 19.31 -12.89
C LYS A 215 11.21 19.36 -13.15
N GLY A 216 11.97 18.37 -12.70
CA GLY A 216 13.41 18.43 -12.78
C GLY A 216 13.99 19.62 -12.03
N LYS A 217 13.41 19.96 -10.88
CA LYS A 217 13.79 21.15 -10.12
C LYS A 217 14.24 20.75 -8.72
N CYS A 218 15.34 21.35 -8.26
CA CYS A 218 15.80 21.11 -6.90
C CYS A 218 15.05 22.06 -5.97
N LEU A 219 14.34 21.50 -4.99
CA LEU A 219 13.50 22.28 -4.09
C LEU A 219 14.19 22.60 -2.77
N LYS A 220 15.05 21.72 -2.28
CA LYS A 220 15.72 21.93 -0.99
C LYS A 220 17.14 21.36 -1.09
N THR A 221 18.03 21.95 -0.30
CA THR A 221 19.40 21.48 -0.14
C THR A 221 19.69 21.40 1.36
N TYR A 222 20.37 20.34 1.78
CA TYR A 222 20.73 20.12 3.18
C TYR A 222 22.23 19.93 3.26
N THR A 223 22.90 20.82 4.01
CA THR A 223 24.35 20.80 4.10
C THR A 223 24.77 21.00 5.54
N GLY A 224 26.08 20.96 5.77
CA GLY A 224 26.67 21.07 7.09
C GLY A 224 27.38 19.81 7.54
N HIS A 225 26.98 18.66 7.00
CA HIS A 225 27.61 17.39 7.30
C HIS A 225 28.82 17.16 6.39
N LYS A 226 29.46 16.01 6.57
CA LYS A 226 30.63 15.63 5.79
C LYS A 226 30.32 14.34 5.04
N ASN A 227 30.40 14.39 3.71
CA ASN A 227 30.13 13.18 2.91
C ASN A 227 30.86 13.37 1.57
N GLU A 228 32.10 12.89 1.52
CA GLU A 228 32.90 12.94 0.30
C GLU A 228 33.39 11.58 -0.15
N LYS A 229 33.10 10.51 0.59
CA LYS A 229 33.71 9.23 0.31
C LYS A 229 32.74 8.06 0.33
N TYR A 230 31.95 7.95 1.40
CA TYR A 230 31.17 6.75 1.65
C TYR A 230 29.74 6.88 1.16
N CYS A 231 29.15 5.74 0.82
CA CYS A 231 27.72 5.66 0.52
C CYS A 231 26.94 5.70 1.82
N ILE A 232 26.42 6.87 2.17
CA ILE A 232 25.70 7.10 3.42
C ILE A 232 24.24 7.34 3.10
N PHE A 233 23.37 6.49 3.62
CA PHE A 233 21.96 6.67 3.33
C PHE A 233 21.44 7.94 3.98
N ALA A 234 20.29 8.40 3.48
CA ALA A 234 19.56 9.45 4.15
C ALA A 234 18.11 8.98 4.28
N ASN A 235 17.43 9.51 5.28
CA ASN A 235 16.08 9.07 5.61
C ASN A 235 15.15 10.26 5.74
N PHE A 236 13.87 10.00 5.44
CA PHE A 236 12.77 10.86 5.87
C PHE A 236 12.25 10.35 7.21
N SER A 237 12.13 11.24 8.18
CA SER A 237 11.55 10.90 9.48
C SER A 237 10.09 11.36 9.50
N VAL A 238 9.17 10.41 9.57
CA VAL A 238 7.75 10.66 9.33
C VAL A 238 6.88 10.48 10.56
N THR A 239 7.46 10.13 11.71
CA THR A 239 6.64 9.79 12.87
C THR A 239 6.33 10.99 13.76
N GLY A 240 7.20 11.99 13.78
CA GLY A 240 6.98 13.21 14.54
C GLY A 240 7.14 14.41 13.64
N GLY A 241 8.05 15.31 13.98
CA GLY A 241 8.36 16.40 13.07
C GLY A 241 8.94 15.90 11.76
N LYS A 242 8.78 16.70 10.72
CA LYS A 242 9.27 16.32 9.39
C LYS A 242 10.77 16.62 9.32
N TRP A 243 11.59 15.58 9.46
CA TRP A 243 13.03 15.71 9.47
C TRP A 243 13.66 14.92 8.33
N ILE A 244 14.86 15.37 7.95
CA ILE A 244 15.80 14.58 7.16
C ILE A 244 16.90 14.11 8.11
N VAL A 245 17.30 12.85 7.97
CA VAL A 245 18.30 12.23 8.84
C VAL A 245 19.40 11.62 7.98
N SER A 246 20.65 11.84 8.39
CA SER A 246 21.77 11.24 7.66
C SER A 246 22.93 11.02 8.62
N GLY A 247 23.70 9.97 8.35
CA GLY A 247 25.03 9.87 8.91
C GLY A 247 25.98 10.86 8.26
N SER A 248 27.23 10.82 8.73
CA SER A 248 28.22 11.81 8.30
C SER A 248 29.61 11.29 8.62
N GLU A 249 30.58 11.77 7.85
CA GLU A 249 31.97 11.35 8.02
C GLU A 249 32.69 12.05 9.17
N ASP A 250 32.01 12.93 9.90
CA ASP A 250 32.57 13.49 11.12
C ASP A 250 31.99 12.83 12.38
N ASN A 251 31.46 11.62 12.24
CA ASN A 251 31.04 10.74 13.33
C ASN A 251 29.72 11.17 13.98
N LEU A 252 28.96 12.05 13.34
CA LEU A 252 27.71 12.53 13.91
C LEU A 252 26.53 12.08 13.05
N VAL A 253 25.36 12.00 13.68
CA VAL A 253 24.08 11.92 12.98
C VAL A 253 23.54 13.33 12.84
N TYR A 254 23.22 13.73 11.61
CA TYR A 254 22.65 15.04 11.34
C TYR A 254 21.16 14.91 11.13
N ILE A 255 20.40 15.84 11.72
CA ILE A 255 18.96 15.92 11.54
C ILE A 255 18.61 17.34 11.12
N TRP A 256 17.89 17.47 10.00
CA TRP A 256 17.52 18.75 9.41
C TRP A 256 16.01 18.91 9.43
N ASN A 257 15.57 20.17 9.51
CA ASN A 257 14.18 20.51 9.25
C ASN A 257 13.91 20.40 7.76
N LEU A 258 12.96 19.53 7.37
CA LEU A 258 12.66 19.29 5.96
C LEU A 258 12.39 20.60 5.20
N GLN A 259 11.56 21.47 5.75
CA GLN A 259 11.16 22.66 5.01
C GLN A 259 12.17 23.81 5.11
N THR A 260 12.73 24.08 6.29
CA THR A 260 13.63 25.23 6.43
C THR A 260 15.08 24.90 6.10
N LYS A 261 15.45 23.62 6.05
CA LYS A 261 16.78 23.13 5.77
C LYS A 261 17.76 23.40 6.92
N GLU A 262 17.29 23.94 8.04
CA GLU A 262 18.17 24.16 9.18
C GLU A 262 18.48 22.86 9.88
N ILE A 263 19.73 22.72 10.33
CA ILE A 263 20.08 21.61 11.22
C ILE A 263 19.37 21.80 12.54
N VAL A 264 18.62 20.78 12.97
CA VAL A 264 17.90 20.85 14.24
C VAL A 264 18.52 19.98 15.33
N GLN A 265 19.39 19.04 14.97
CA GLN A 265 20.09 18.24 15.98
C GLN A 265 21.27 17.53 15.35
N LYS A 266 22.33 17.38 16.14
CA LYS A 266 23.47 16.52 15.80
C LYS A 266 23.65 15.53 16.94
N LEU A 267 23.63 14.24 16.64
CA LEU A 267 23.73 13.20 17.67
C LEU A 267 25.18 12.76 17.81
N GLN A 268 25.77 12.97 18.99
CA GLN A 268 27.15 12.61 19.25
C GLN A 268 27.23 11.32 20.08
N GLY A 269 28.26 10.52 19.81
CA GLY A 269 28.45 9.28 20.53
C GLY A 269 29.36 8.33 19.79
N HIS A 270 29.18 8.24 18.47
CA HIS A 270 29.96 7.35 17.66
C HIS A 270 31.40 7.83 17.53
N THR A 271 32.32 6.88 17.32
CA THR A 271 33.73 7.18 17.26
C THR A 271 34.32 6.86 15.89
N ASP A 272 33.46 6.88 14.87
CA ASP A 272 33.88 6.71 13.48
C ASP A 272 32.75 7.18 12.59
N VAL A 273 32.99 7.16 11.28
CA VAL A 273 31.98 7.57 10.30
C VAL A 273 30.66 6.89 10.59
N VAL A 274 29.58 7.67 10.66
CA VAL A 274 28.23 7.11 10.77
C VAL A 274 27.81 6.73 9.35
N ILE A 275 27.93 5.44 9.03
CA ILE A 275 27.76 4.96 7.67
C ILE A 275 26.29 4.79 7.30
N SER A 276 25.40 4.57 8.28
CA SER A 276 24.02 4.31 7.92
C SER A 276 23.12 4.69 9.09
N THR A 277 21.91 5.16 8.76
CA THR A 277 20.87 5.46 9.72
C THR A 277 19.56 4.91 9.20
N ALA A 278 18.63 4.68 10.11
CA ALA A 278 17.29 4.24 9.75
C ALA A 278 16.32 4.82 10.76
N CYS A 279 15.08 5.03 10.33
CA CYS A 279 14.05 5.66 11.13
C CYS A 279 12.93 4.66 11.34
N HIS A 280 12.47 4.53 12.59
CA HIS A 280 11.45 3.55 12.92
C HIS A 280 10.10 3.93 12.29
N PRO A 281 9.31 2.95 11.85
CA PRO A 281 8.07 3.28 11.12
C PRO A 281 6.96 3.91 11.95
N THR A 282 6.95 3.78 13.28
CA THR A 282 5.85 4.32 14.06
C THR A 282 6.29 5.13 15.27
N GLU A 283 7.48 4.86 15.80
CA GLU A 283 8.02 5.61 16.92
C GLU A 283 9.15 6.53 16.45
N ASN A 284 9.41 7.58 17.24
CA ASN A 284 10.50 8.50 16.97
C ASN A 284 11.78 7.86 17.47
N ILE A 285 12.27 6.89 16.70
CA ILE A 285 13.43 6.09 17.05
C ILE A 285 14.35 6.08 15.84
N ILE A 286 15.63 6.36 16.07
CA ILE A 286 16.66 6.30 15.02
C ILE A 286 17.66 5.22 15.40
N ALA A 287 18.06 4.43 14.40
CA ALA A 287 19.20 3.54 14.52
C ALA A 287 20.35 4.10 13.70
N SER A 288 21.54 4.10 14.28
CA SER A 288 22.74 4.54 13.58
C SER A 288 23.83 3.50 13.71
N ALA A 289 24.71 3.44 12.70
CA ALA A 289 25.81 2.47 12.68
C ALA A 289 27.07 3.16 12.19
N ALA A 290 28.22 2.73 12.72
CA ALA A 290 29.50 3.37 12.43
C ALA A 290 30.52 2.36 11.95
N LEU A 291 31.65 2.88 11.43
CA LEU A 291 32.61 2.05 10.69
C LEU A 291 33.55 1.32 11.65
N GLU A 292 34.57 0.64 11.09
CA GLU A 292 35.24 -0.46 11.79
C GLU A 292 36.11 -0.01 12.97
N ASN A 293 36.26 1.28 13.22
CA ASN A 293 36.89 1.74 14.45
C ASN A 293 35.91 1.83 15.62
N ASP A 294 34.64 2.16 15.35
CA ASP A 294 33.58 2.35 16.34
C ASP A 294 32.87 1.04 16.70
N LYS A 295 32.39 0.32 15.68
CA LYS A 295 31.90 -1.05 15.82
C LYS A 295 30.54 -1.13 16.53
N THR A 296 29.73 -0.09 16.54
CA THR A 296 28.47 -0.20 17.27
C THR A 296 27.31 0.27 16.39
N ILE A 297 26.14 -0.20 16.79
CA ILE A 297 24.86 0.33 16.34
C ILE A 297 24.23 1.00 17.56
N LYS A 298 23.72 2.21 17.39
CA LYS A 298 23.11 2.93 18.50
C LYS A 298 21.63 3.18 18.23
N LEU A 299 20.83 3.10 19.28
CA LEU A 299 19.39 3.38 19.19
C LEU A 299 19.08 4.63 20.00
N TRP A 300 18.35 5.55 19.36
CA TRP A 300 18.06 6.87 19.91
C TRP A 300 16.55 7.09 19.91
N LYS A 301 16.06 7.82 20.92
CA LYS A 301 14.63 8.08 21.05
C LYS A 301 14.38 9.57 21.28
N SER A 302 13.33 10.09 20.67
CA SER A 302 12.98 11.49 20.78
C SER A 302 11.50 11.61 21.14
N ASP A 303 11.15 12.71 21.80
CA ASP A 303 9.74 12.98 22.11
C ASP A 303 8.97 13.56 20.92
N CYS A 304 9.67 14.02 19.88
CA CYS A 304 9.03 14.49 18.66
C CYS A 304 9.97 14.33 17.48
N VAL B 1 -8.11 -26.61 -9.31
CA VAL B 1 -7.23 -25.47 -9.01
C VAL B 1 -7.92 -24.51 -8.03
N LYS B 2 -7.27 -24.24 -6.91
CA LYS B 2 -7.88 -23.51 -5.81
C LYS B 2 -6.90 -22.50 -5.24
N PRO B 3 -7.39 -21.36 -4.77
CA PRO B 3 -6.51 -20.39 -4.10
C PRO B 3 -6.12 -20.90 -2.73
N ASN B 4 -5.14 -20.24 -2.12
CA ASN B 4 -4.67 -20.62 -0.79
C ASN B 4 -4.47 -19.39 0.07
N TYR B 5 -5.53 -18.58 0.18
CA TYR B 5 -5.48 -17.38 0.98
C TYR B 5 -5.13 -17.70 2.43
N ALA B 6 -4.15 -16.99 2.97
CA ALA B 6 -3.71 -17.15 4.35
C ALA B 6 -3.67 -15.78 5.01
N LEU B 7 -3.96 -15.76 6.30
CA LEU B 7 -4.03 -14.50 7.04
C LEU B 7 -2.66 -13.84 7.13
N LYS B 8 -2.60 -12.55 6.82
CA LYS B 8 -1.37 -11.78 6.95
C LYS B 8 -1.43 -10.73 8.03
N PHE B 9 -2.55 -10.02 8.18
CA PHE B 9 -2.66 -8.93 9.13
C PHE B 9 -4.08 -8.86 9.67
N THR B 10 -4.20 -8.47 10.94
CA THR B 10 -5.47 -8.08 11.53
C THR B 10 -5.34 -6.62 11.92
N LEU B 11 -6.25 -5.78 11.43
CA LEU B 11 -6.22 -4.33 11.58
C LEU B 11 -7.30 -3.90 12.57
N ALA B 12 -6.88 -3.39 13.72
CA ALA B 12 -7.77 -2.97 14.78
C ALA B 12 -7.77 -1.46 14.92
N GLY B 13 -8.92 -0.91 15.30
CA GLY B 13 -9.01 0.52 15.54
C GLY B 13 -10.42 1.07 15.53
N HIS B 14 -11.27 0.57 14.64
CA HIS B 14 -12.66 1.01 14.68
C HIS B 14 -13.31 0.58 15.99
N THR B 15 -14.25 1.39 16.47
CA THR B 15 -14.84 1.18 17.79
C THR B 15 -16.29 0.71 17.71
N LYS B 16 -16.84 0.59 16.52
CA LYS B 16 -18.11 -0.07 16.25
C LYS B 16 -17.94 -0.94 15.01
N ALA B 17 -19.04 -1.56 14.58
CA ALA B 17 -19.02 -2.42 13.40
C ALA B 17 -18.37 -1.72 12.21
N VAL B 18 -17.58 -2.46 11.47
CA VAL B 18 -17.11 -1.97 10.19
C VAL B 18 -18.23 -2.16 9.18
N SER B 19 -18.31 -1.27 8.20
CA SER B 19 -19.36 -1.39 7.20
C SER B 19 -18.85 -1.67 5.80
N SER B 20 -17.65 -1.22 5.44
N SER B 20 -17.65 -1.23 5.44
CA SER B 20 -17.18 -1.37 4.07
CA SER B 20 -17.18 -1.37 4.07
C SER B 20 -15.66 -1.23 4.06
C SER B 20 -15.67 -1.20 4.04
N VAL B 21 -15.00 -2.01 3.21
CA VAL B 21 -13.58 -1.86 2.95
C VAL B 21 -13.38 -1.81 1.43
N LYS B 22 -12.44 -0.97 0.98
CA LYS B 22 -12.15 -0.80 -0.45
C LYS B 22 -10.66 -0.52 -0.65
N PHE B 23 -10.07 -1.19 -1.63
CA PHE B 23 -8.68 -0.92 -1.99
C PHE B 23 -8.62 0.27 -2.95
N SER B 24 -7.62 1.13 -2.77
CA SER B 24 -7.41 2.20 -3.74
C SER B 24 -7.07 1.60 -5.09
N PRO B 25 -7.43 2.26 -6.19
CA PRO B 25 -7.09 1.71 -7.50
C PRO B 25 -5.60 1.54 -7.74
N ASN B 26 -4.75 2.36 -7.12
CA ASN B 26 -3.31 2.20 -7.27
C ASN B 26 -2.74 1.11 -6.38
N GLY B 27 -3.57 0.42 -5.60
CA GLY B 27 -3.14 -0.71 -4.80
C GLY B 27 -2.44 -0.36 -3.51
N GLU B 28 -2.22 0.93 -3.23
CA GLU B 28 -1.40 1.31 -2.08
C GLU B 28 -2.16 1.24 -0.76
N TRP B 29 -3.47 1.48 -0.78
CA TRP B 29 -4.24 1.74 0.43
C TRP B 29 -5.46 0.87 0.53
N LEU B 30 -5.89 0.65 1.77
CA LEU B 30 -7.23 0.15 2.06
C LEU B 30 -7.94 1.23 2.85
N ALA B 31 -9.16 1.57 2.43
CA ALA B 31 -10.02 2.46 3.20
C ALA B 31 -11.13 1.65 3.83
N SER B 32 -11.45 1.98 5.09
CA SER B 32 -12.55 1.34 5.79
C SER B 32 -13.51 2.40 6.32
N SER B 33 -14.80 2.06 6.35
CA SER B 33 -15.80 2.91 6.97
C SER B 33 -16.49 2.12 8.08
N SER B 34 -17.15 2.84 9.00
CA SER B 34 -17.67 2.19 10.18
C SER B 34 -18.85 2.96 10.75
N ALA B 35 -19.66 2.22 11.50
CA ALA B 35 -20.71 2.83 12.31
C ALA B 35 -20.17 3.82 13.33
N ASP B 36 -18.86 3.81 13.61
CA ASP B 36 -18.26 4.75 14.55
C ASP B 36 -18.06 6.15 13.96
N LYS B 37 -18.59 6.41 12.75
CA LYS B 37 -18.57 7.71 12.05
C LYS B 37 -17.22 8.01 11.40
N LEU B 38 -16.28 7.06 11.39
CA LEU B 38 -14.92 7.31 10.93
C LEU B 38 -14.61 6.55 9.65
N ILE B 39 -13.73 7.15 8.86
CA ILE B 39 -13.02 6.48 7.78
C ILE B 39 -11.59 6.25 8.27
N LYS B 40 -11.06 5.05 8.05
CA LYS B 40 -9.66 4.82 8.35
C LYS B 40 -8.93 4.34 7.09
N ILE B 41 -7.67 4.74 6.98
CA ILE B 41 -6.80 4.40 5.87
C ILE B 41 -5.66 3.53 6.39
N TRP B 42 -5.34 2.47 5.65
CA TRP B 42 -4.35 1.48 6.06
C TRP B 42 -3.48 1.11 4.87
N GLY B 43 -2.21 0.80 5.13
CA GLY B 43 -1.33 0.32 4.07
C GLY B 43 -1.76 -1.06 3.59
N ALA B 44 -1.86 -1.21 2.26
CA ALA B 44 -2.39 -2.47 1.72
C ALA B 44 -1.41 -3.63 1.91
N TYR B 45 -0.11 -3.34 2.01
CA TYR B 45 0.90 -4.38 1.97
C TYR B 45 1.56 -4.65 3.31
N ASP B 46 1.55 -3.67 4.23
CA ASP B 46 2.07 -3.89 5.56
C ASP B 46 0.99 -3.77 6.63
N GLY B 47 -0.26 -3.51 6.24
CA GLY B 47 -1.36 -3.41 7.18
C GLY B 47 -1.28 -2.25 8.14
N LYS B 48 -0.35 -1.31 7.93
CA LYS B 48 -0.08 -0.27 8.92
C LYS B 48 -1.14 0.82 8.87
N PHE B 49 -1.69 1.16 10.04
CA PHE B 49 -2.64 2.26 10.12
C PHE B 49 -2.00 3.56 9.66
N GLU B 50 -2.72 4.30 8.81
CA GLU B 50 -2.22 5.55 8.26
C GLU B 50 -2.89 6.77 8.89
N LYS B 51 -4.22 6.85 8.83
CA LYS B 51 -4.90 8.03 9.35
C LYS B 51 -6.38 7.73 9.54
N THR B 52 -6.99 8.55 10.38
CA THR B 52 -8.43 8.60 10.56
C THR B 52 -8.96 9.86 9.91
N ILE B 53 -10.09 9.73 9.21
CA ILE B 53 -10.75 10.82 8.52
C ILE B 53 -12.14 10.98 9.14
N SER B 54 -12.42 12.16 9.69
CA SER B 54 -13.61 12.36 10.50
C SER B 54 -14.38 13.58 10.02
N GLY B 55 -15.68 13.59 10.35
CA GLY B 55 -16.53 14.73 10.06
C GLY B 55 -18.00 14.39 9.92
N HIS B 56 -18.30 13.15 9.54
CA HIS B 56 -19.70 12.74 9.53
C HIS B 56 -20.26 12.76 10.95
N LYS B 57 -21.56 13.05 11.05
CA LYS B 57 -22.21 13.20 12.34
C LYS B 57 -22.85 11.90 12.83
N LEU B 58 -23.03 10.94 11.93
CA LEU B 58 -23.55 9.62 12.26
C LEU B 58 -22.74 8.59 11.49
N GLY B 59 -23.08 7.32 11.68
CA GLY B 59 -22.29 6.25 11.12
C GLY B 59 -22.24 6.28 9.60
N ILE B 60 -21.25 5.57 9.07
CA ILE B 60 -21.00 5.51 7.63
C ILE B 60 -21.23 4.09 7.13
N SER B 61 -21.98 3.96 6.03
CA SER B 61 -22.26 2.66 5.41
C SER B 61 -21.31 2.27 4.30
N ASP B 62 -20.64 3.22 3.66
CA ASP B 62 -19.92 2.90 2.43
C ASP B 62 -18.90 3.99 2.15
N VAL B 63 -17.83 3.59 1.48
CA VAL B 63 -16.78 4.50 1.00
C VAL B 63 -16.34 4.01 -0.37
N ALA B 64 -15.79 4.93 -1.16
CA ALA B 64 -15.36 4.59 -2.51
C ALA B 64 -14.27 5.55 -2.95
N TRP B 65 -13.36 5.06 -3.79
CA TRP B 65 -12.18 5.79 -4.27
C TRP B 65 -12.40 6.38 -5.66
N SER B 66 -11.81 7.54 -5.90
CA SER B 66 -11.68 8.04 -7.25
C SER B 66 -10.62 7.25 -8.02
N SER B 67 -10.67 7.36 -9.34
N SER B 67 -10.67 7.35 -9.34
CA SER B 67 -9.82 6.53 -10.19
CA SER B 67 -9.83 6.51 -10.18
C SER B 67 -8.33 6.82 -10.01
C SER B 67 -8.33 6.84 -10.07
N ASP B 68 -7.98 8.04 -9.61
CA ASP B 68 -6.58 8.39 -9.40
C ASP B 68 -6.13 8.18 -7.96
N SER B 69 -6.98 7.56 -7.14
CA SER B 69 -6.72 7.22 -5.74
C SER B 69 -6.56 8.45 -4.84
N ASN B 70 -6.92 9.64 -5.32
CA ASN B 70 -6.68 10.86 -4.55
C ASN B 70 -7.88 11.30 -3.72
N LEU B 71 -9.09 10.87 -4.06
CA LEU B 71 -10.32 11.26 -3.39
C LEU B 71 -11.07 10.05 -2.88
N LEU B 72 -11.82 10.26 -1.81
CA LEU B 72 -12.79 9.29 -1.29
C LEU B 72 -14.16 9.96 -1.23
N VAL B 73 -15.21 9.17 -1.43
CA VAL B 73 -16.56 9.61 -1.09
C VAL B 73 -17.11 8.63 -0.04
N SER B 74 -17.86 9.15 0.93
CA SER B 74 -18.47 8.33 1.97
C SER B 74 -19.96 8.59 1.99
N ALA B 75 -20.73 7.57 2.41
CA ALA B 75 -22.18 7.64 2.49
C ALA B 75 -22.60 7.40 3.93
N SER B 76 -23.40 8.32 4.51
CA SER B 76 -23.62 8.33 5.95
C SER B 76 -25.10 8.37 6.33
N ASP B 77 -25.38 7.86 7.53
CA ASP B 77 -26.69 8.00 8.14
C ASP B 77 -27.08 9.45 8.42
N ASP B 78 -26.10 10.40 8.37
CA ASP B 78 -26.44 11.81 8.56
C ASP B 78 -27.07 12.44 7.31
N LYS B 79 -27.38 11.60 6.32
CA LYS B 79 -28.14 11.91 5.09
C LYS B 79 -27.26 12.58 4.06
N THR B 80 -25.96 12.69 4.30
CA THR B 80 -25.05 13.32 3.35
C THR B 80 -24.04 12.31 2.83
N LEU B 81 -23.44 12.67 1.71
CA LEU B 81 -22.16 12.10 1.31
C LEU B 81 -21.10 13.19 1.50
N LYS B 82 -19.86 12.76 1.74
CA LYS B 82 -18.77 13.72 1.80
C LYS B 82 -17.68 13.27 0.85
N ILE B 83 -17.07 14.24 0.17
CA ILE B 83 -15.93 14.02 -0.69
C ILE B 83 -14.70 14.45 0.09
N TRP B 84 -13.69 13.58 0.17
CA TRP B 84 -12.50 13.84 0.97
C TRP B 84 -11.24 13.84 0.11
N ASP B 85 -10.32 14.73 0.47
CA ASP B 85 -8.95 14.64 -0.03
C ASP B 85 -8.18 13.67 0.87
N VAL B 86 -7.74 12.54 0.32
CA VAL B 86 -7.12 11.51 1.16
C VAL B 86 -5.82 12.02 1.75
N SER B 87 -5.06 12.80 0.99
CA SER B 87 -3.74 13.21 1.48
C SER B 87 -3.83 14.17 2.64
N SER B 88 -4.80 15.09 2.61
CA SER B 88 -4.97 16.06 3.68
C SER B 88 -5.98 15.64 4.74
N GLY B 89 -6.86 14.68 4.42
CA GLY B 89 -7.95 14.33 5.29
C GLY B 89 -9.11 15.32 5.29
N LYS B 90 -9.05 16.36 4.46
CA LYS B 90 -10.05 17.42 4.54
C LYS B 90 -11.30 17.07 3.75
N CYS B 91 -12.44 17.47 4.30
CA CYS B 91 -13.70 17.36 3.57
C CYS B 91 -13.77 18.46 2.54
N LEU B 92 -13.81 18.08 1.25
CA LEU B 92 -13.88 19.06 0.17
C LEU B 92 -15.32 19.51 -0.10
N LYS B 93 -16.27 18.60 -0.03
CA LYS B 93 -17.66 18.89 -0.37
C LYS B 93 -18.55 17.99 0.48
N THR B 94 -19.70 18.53 0.88
CA THR B 94 -20.76 17.75 1.52
C THR B 94 -21.96 17.75 0.59
N LEU B 95 -22.37 16.55 0.17
CA LEU B 95 -23.41 16.36 -0.83
C LEU B 95 -24.74 16.20 -0.12
N LYS B 96 -25.60 17.21 -0.23
CA LYS B 96 -26.87 17.27 0.48
C LYS B 96 -28.02 17.16 -0.49
N GLY B 97 -29.01 16.36 -0.13
CA GLY B 97 -30.15 16.15 -1.00
C GLY B 97 -31.01 14.98 -0.58
N HIS B 98 -30.38 13.88 -0.20
CA HIS B 98 -31.14 12.74 0.26
C HIS B 98 -31.92 13.09 1.52
N SER B 99 -33.08 12.46 1.69
CA SER B 99 -33.93 12.75 2.82
C SER B 99 -33.85 11.70 3.91
N ASN B 100 -32.98 10.71 3.76
CA ASN B 100 -32.74 9.75 4.82
C ASN B 100 -31.35 9.16 4.63
N TYR B 101 -31.04 8.08 5.37
CA TYR B 101 -29.69 7.51 5.36
C TYR B 101 -29.18 7.26 3.95
N VAL B 102 -27.92 7.61 3.70
CA VAL B 102 -27.28 7.25 2.45
C VAL B 102 -26.53 5.95 2.68
N PHE B 103 -26.82 4.93 1.86
CA PHE B 103 -26.36 3.57 2.09
C PHE B 103 -25.21 3.16 1.19
N CYS B 104 -25.06 3.73 0.00
CA CYS B 104 -24.10 3.22 -0.96
C CYS B 104 -23.64 4.34 -1.87
N CYS B 105 -22.41 4.20 -2.40
CA CYS B 105 -21.85 5.26 -3.23
C CYS B 105 -20.74 4.70 -4.11
N ASN B 106 -20.46 5.43 -5.19
CA ASN B 106 -19.39 5.05 -6.10
C ASN B 106 -19.05 6.22 -7.01
N PHE B 107 -17.77 6.36 -7.36
CA PHE B 107 -17.35 7.24 -8.44
C PHE B 107 -17.53 6.52 -9.78
N ASN B 108 -17.65 7.29 -10.86
CA ASN B 108 -17.50 6.71 -12.19
C ASN B 108 -16.02 6.65 -12.58
N PRO B 109 -15.69 5.94 -13.67
CA PRO B 109 -14.26 5.78 -14.01
C PRO B 109 -13.56 7.10 -14.26
N GLN B 110 -14.22 8.03 -14.94
CA GLN B 110 -13.61 9.34 -15.08
C GLN B 110 -13.47 10.04 -13.73
N SER B 111 -14.40 9.76 -12.83
CA SER B 111 -14.45 10.30 -11.48
C SER B 111 -14.85 11.78 -11.45
N ASN B 112 -15.59 12.22 -12.48
CA ASN B 112 -16.30 13.48 -12.45
C ASN B 112 -17.71 13.35 -11.85
N LEU B 113 -18.21 12.12 -11.67
CA LEU B 113 -19.53 11.87 -11.11
C LEU B 113 -19.45 10.93 -9.91
N ILE B 114 -20.40 11.11 -9.00
CA ILE B 114 -20.66 10.18 -7.90
C ILE B 114 -22.11 9.72 -8.02
N VAL B 115 -22.35 8.42 -7.81
CA VAL B 115 -23.69 7.88 -7.73
C VAL B 115 -23.91 7.44 -6.28
N SER B 116 -25.13 7.67 -5.77
CA SER B 116 -25.48 7.31 -4.41
C SER B 116 -26.86 6.67 -4.36
N GLY B 117 -27.08 5.84 -3.35
CA GLY B 117 -28.40 5.27 -3.09
C GLY B 117 -28.71 5.39 -1.62
N SER B 118 -30.01 5.47 -1.33
CA SER B 118 -30.45 5.89 -0.01
C SER B 118 -31.66 5.10 0.47
N PHE B 119 -31.83 5.09 1.80
CA PHE B 119 -33.05 4.63 2.43
C PHE B 119 -34.27 5.35 1.87
N ASP B 120 -34.08 6.56 1.35
CA ASP B 120 -35.19 7.34 0.79
C ASP B 120 -35.67 6.81 -0.57
N GLU B 121 -35.11 5.70 -1.06
CA GLU B 121 -35.56 4.94 -2.24
C GLU B 121 -35.12 5.58 -3.55
N SER B 122 -34.27 6.61 -3.50
CA SER B 122 -33.78 7.28 -4.69
C SER B 122 -32.31 6.94 -4.93
N VAL B 123 -31.92 7.12 -6.18
CA VAL B 123 -30.52 7.12 -6.63
C VAL B 123 -30.23 8.54 -7.09
N ARG B 124 -29.13 9.12 -6.61
CA ARG B 124 -28.74 10.45 -7.06
C ARG B 124 -27.40 10.42 -7.77
N ILE B 125 -27.24 11.30 -8.75
CA ILE B 125 -25.99 11.46 -9.49
C ILE B 125 -25.49 12.86 -9.21
N TRP B 126 -24.25 12.97 -8.76
CA TRP B 126 -23.68 14.22 -8.26
C TRP B 126 -22.47 14.65 -9.07
N ASP B 127 -22.31 15.97 -9.23
CA ASP B 127 -21.12 16.54 -9.84
C ASP B 127 -20.00 16.65 -8.81
N VAL B 128 -18.87 16.02 -9.08
CA VAL B 128 -17.78 15.99 -8.11
C VAL B 128 -17.22 17.39 -7.87
N LYS B 129 -17.02 18.16 -8.96
CA LYS B 129 -16.36 19.45 -8.85
C LYS B 129 -17.18 20.45 -8.04
N THR B 130 -18.49 20.51 -8.29
CA THR B 130 -19.34 21.49 -7.62
C THR B 130 -20.07 20.93 -6.41
N GLY B 131 -20.22 19.62 -6.31
CA GLY B 131 -21.03 19.02 -5.26
C GLY B 131 -22.52 19.10 -5.48
N LYS B 132 -22.96 19.63 -6.60
CA LYS B 132 -24.38 19.77 -6.87
C LYS B 132 -24.97 18.44 -7.33
N CYS B 133 -26.22 18.19 -6.95
CA CYS B 133 -26.93 17.03 -7.44
C CYS B 133 -27.41 17.29 -8.87
N LEU B 134 -27.01 16.42 -9.79
CA LEU B 134 -27.33 16.58 -11.21
C LEU B 134 -28.66 15.92 -11.57
N LYS B 135 -28.92 14.74 -11.01
CA LYS B 135 -30.15 14.01 -11.28
C LYS B 135 -30.58 13.27 -10.02
N THR B 136 -31.89 13.21 -9.81
CA THR B 136 -32.50 12.33 -8.82
C THR B 136 -33.36 11.32 -9.54
N LEU B 137 -33.03 10.03 -9.37
CA LEU B 137 -33.80 9.00 -10.06
C LEU B 137 -34.76 8.35 -9.07
N PRO B 138 -36.05 8.27 -9.37
CA PRO B 138 -37.03 7.60 -8.48
C PRO B 138 -36.86 6.10 -8.73
N ALA B 139 -35.78 5.57 -8.18
CA ALA B 139 -35.23 4.32 -8.68
C ALA B 139 -35.96 3.09 -8.16
N HIS B 140 -36.46 3.12 -6.92
CA HIS B 140 -36.95 1.92 -6.26
C HIS B 140 -38.09 2.27 -5.32
N SER B 141 -38.74 1.23 -4.78
CA SER B 141 -39.85 1.40 -3.85
C SER B 141 -39.51 0.88 -2.45
N ASP B 142 -38.22 0.79 -2.16
CA ASP B 142 -37.70 0.42 -0.85
C ASP B 142 -36.26 0.92 -0.80
N PRO B 143 -35.59 0.83 0.35
CA PRO B 143 -34.20 1.33 0.42
C PRO B 143 -33.30 0.75 -0.68
N VAL B 144 -32.42 1.60 -1.19
CA VAL B 144 -31.47 1.23 -2.22
C VAL B 144 -30.23 0.66 -1.55
N SER B 145 -29.87 -0.57 -1.90
CA SER B 145 -28.79 -1.29 -1.21
C SER B 145 -27.42 -1.18 -1.88
N ALA B 146 -27.36 -0.94 -3.18
CA ALA B 146 -26.09 -0.82 -3.88
C ALA B 146 -26.28 0.00 -5.15
N VAL B 147 -25.22 0.69 -5.56
CA VAL B 147 -25.15 1.43 -6.83
C VAL B 147 -23.73 1.29 -7.36
N HIS B 148 -23.61 1.13 -8.70
CA HIS B 148 -22.30 0.85 -9.28
C HIS B 148 -22.31 1.30 -10.73
N PHE B 149 -21.20 1.91 -11.17
CA PHE B 149 -20.99 2.22 -12.58
C PHE B 149 -20.30 1.06 -13.29
N ASN B 150 -20.60 0.90 -14.59
CA ASN B 150 -19.92 -0.08 -15.41
C ASN B 150 -18.53 0.45 -15.82
N ARG B 151 -17.85 -0.30 -16.71
CA ARG B 151 -16.40 -0.11 -16.93
C ARG B 151 -16.07 1.28 -17.49
N ASP B 152 -16.97 1.88 -18.25
CA ASP B 152 -16.74 3.20 -18.83
C ASP B 152 -17.65 4.28 -18.26
N GLY B 153 -18.53 3.94 -17.32
CA GLY B 153 -19.40 4.91 -16.68
C GLY B 153 -20.69 5.19 -17.41
N SER B 154 -20.94 4.51 -18.53
CA SER B 154 -22.13 4.80 -19.33
C SER B 154 -23.40 4.26 -18.70
N LEU B 155 -23.29 3.29 -17.79
CA LEU B 155 -24.43 2.67 -17.14
C LEU B 155 -24.25 2.67 -15.64
N ILE B 156 -25.37 2.74 -14.92
CA ILE B 156 -25.45 2.51 -13.48
C ILE B 156 -26.32 1.28 -13.24
N VAL B 157 -25.91 0.43 -12.30
CA VAL B 157 -26.80 -0.62 -11.80
C VAL B 157 -27.16 -0.29 -10.37
N SER B 158 -28.43 -0.45 -10.02
CA SER B 158 -28.92 -0.26 -8.66
C SER B 158 -29.67 -1.51 -8.20
N SER B 159 -29.68 -1.72 -6.88
CA SER B 159 -30.42 -2.83 -6.27
C SER B 159 -31.20 -2.31 -5.07
N SER B 160 -32.24 -3.04 -4.70
CA SER B 160 -33.05 -2.57 -3.57
C SER B 160 -33.74 -3.74 -2.88
N TYR B 161 -34.15 -3.48 -1.64
CA TYR B 161 -34.95 -4.44 -0.89
C TYR B 161 -36.33 -4.63 -1.50
N ASP B 162 -36.71 -3.83 -2.49
CA ASP B 162 -37.95 -4.07 -3.21
C ASP B 162 -37.85 -5.27 -4.14
N GLY B 163 -36.68 -5.91 -4.21
CA GLY B 163 -36.51 -7.12 -5.00
C GLY B 163 -36.03 -6.89 -6.40
N LEU B 164 -35.78 -5.65 -6.79
CA LEU B 164 -35.41 -5.33 -8.15
C LEU B 164 -33.94 -4.97 -8.29
N CYS B 165 -33.37 -5.32 -9.44
N CYS B 165 -33.43 -5.25 -9.49
CA CYS B 165 -32.17 -4.69 -9.97
CA CYS B 165 -32.17 -4.72 -9.98
C CYS B 165 -32.58 -3.85 -11.17
C CYS B 165 -32.48 -3.92 -11.24
N ARG B 166 -31.98 -2.69 -11.32
CA ARG B 166 -32.29 -1.83 -12.44
C ARG B 166 -31.02 -1.30 -13.08
N ILE B 167 -31.04 -1.20 -14.41
CA ILE B 167 -29.94 -0.65 -15.20
C ILE B 167 -30.37 0.73 -15.70
N TRP B 168 -29.53 1.73 -15.47
CA TRP B 168 -29.82 3.11 -15.82
C TRP B 168 -28.79 3.64 -16.80
N ASP B 169 -29.26 4.39 -17.79
CA ASP B 169 -28.39 5.20 -18.65
C ASP B 169 -27.90 6.41 -17.86
N THR B 170 -26.59 6.49 -17.63
CA THR B 170 -26.03 7.59 -16.83
C THR B 170 -26.38 8.94 -17.43
N ALA B 171 -26.23 9.09 -18.75
CA ALA B 171 -26.33 10.41 -19.37
C ALA B 171 -27.75 10.97 -19.27
N SER B 172 -28.76 10.12 -19.43
CA SER B 172 -30.15 10.57 -19.45
C SER B 172 -30.92 10.25 -18.18
N GLY B 173 -30.42 9.34 -17.35
CA GLY B 173 -31.16 8.89 -16.18
C GLY B 173 -32.30 7.95 -16.46
N GLN B 174 -32.49 7.52 -17.71
CA GLN B 174 -33.59 6.62 -18.02
C GLN B 174 -33.24 5.18 -17.64
N CYS B 175 -34.25 4.42 -17.25
CA CYS B 175 -34.08 3.03 -16.87
C CYS B 175 -34.11 2.16 -18.13
N LEU B 176 -33.01 1.46 -18.40
CA LEU B 176 -32.93 0.62 -19.58
C LEU B 176 -33.44 -0.78 -19.35
N LYS B 177 -33.53 -1.23 -18.11
CA LYS B 177 -33.86 -2.63 -17.85
C LYS B 177 -34.18 -2.82 -16.37
N THR B 178 -35.26 -3.55 -16.10
CA THR B 178 -35.59 -4.02 -14.77
C THR B 178 -35.50 -5.55 -14.77
N LEU B 179 -34.71 -6.10 -13.84
CA LEU B 179 -34.62 -7.54 -13.67
C LEU B 179 -35.52 -7.97 -12.53
N ILE B 180 -36.42 -8.92 -12.80
CA ILE B 180 -37.51 -9.26 -11.90
C ILE B 180 -37.41 -10.69 -11.37
N ASP B 181 -37.12 -11.65 -12.25
CA ASP B 181 -37.12 -13.07 -11.89
C ASP B 181 -38.53 -13.51 -11.47
N ASP B 182 -38.74 -14.81 -11.26
CA ASP B 182 -40.08 -15.27 -10.87
C ASP B 182 -40.46 -14.75 -9.49
N ASP B 183 -39.50 -14.66 -8.58
CA ASP B 183 -39.71 -14.23 -7.21
C ASP B 183 -38.78 -13.05 -6.93
N ASN B 184 -39.11 -12.28 -5.88
CA ASN B 184 -38.40 -11.04 -5.57
C ASN B 184 -37.94 -11.01 -4.11
N PRO B 185 -37.02 -11.90 -3.73
CA PRO B 185 -36.32 -11.68 -2.47
C PRO B 185 -35.62 -10.34 -2.49
N PRO B 186 -35.47 -9.69 -1.35
CA PRO B 186 -34.73 -8.42 -1.31
C PRO B 186 -33.35 -8.58 -1.91
N VAL B 187 -32.97 -7.64 -2.78
CA VAL B 187 -31.62 -7.61 -3.35
C VAL B 187 -30.76 -6.71 -2.46
N SER B 188 -29.71 -7.30 -1.87
CA SER B 188 -28.90 -6.64 -0.87
C SER B 188 -27.59 -6.09 -1.43
N PHE B 189 -27.23 -6.46 -2.66
CA PHE B 189 -26.00 -5.96 -3.26
C PHE B 189 -26.02 -6.26 -4.75
N VAL B 190 -25.37 -5.39 -5.53
CA VAL B 190 -25.19 -5.65 -6.97
C VAL B 190 -23.96 -4.90 -7.45
N LYS B 191 -23.32 -5.43 -8.49
CA LYS B 191 -22.23 -4.71 -9.15
C LYS B 191 -21.98 -5.33 -10.52
N PHE B 192 -21.41 -4.51 -11.42
CA PHE B 192 -21.08 -4.98 -12.76
C PHE B 192 -19.84 -5.86 -12.73
N SER B 193 -19.78 -6.78 -13.68
CA SER B 193 -18.59 -7.61 -13.90
C SER B 193 -17.45 -6.76 -14.45
N PRO B 194 -16.21 -7.24 -14.33
CA PRO B 194 -15.07 -6.48 -14.89
C PRO B 194 -15.26 -6.06 -16.33
N ASN B 195 -15.87 -6.89 -17.17
CA ASN B 195 -16.04 -6.56 -18.57
C ASN B 195 -17.35 -5.83 -18.86
N GLY B 196 -18.17 -5.57 -17.83
CA GLY B 196 -19.41 -4.82 -17.96
C GLY B 196 -20.58 -5.56 -18.56
N LYS B 197 -20.42 -6.82 -18.95
CA LYS B 197 -21.50 -7.55 -19.61
C LYS B 197 -22.48 -8.16 -18.64
N TYR B 198 -22.05 -8.42 -17.40
CA TYR B 198 -22.86 -9.12 -16.42
C TYR B 198 -23.02 -8.27 -15.18
N ILE B 199 -23.97 -8.66 -14.33
CA ILE B 199 -24.10 -8.10 -13.00
C ILE B 199 -24.14 -9.25 -12.02
N LEU B 200 -23.51 -9.05 -10.86
CA LEU B 200 -23.53 -9.99 -9.75
C LEU B 200 -24.46 -9.42 -8.70
N ALA B 201 -25.50 -10.18 -8.32
CA ALA B 201 -26.52 -9.68 -7.40
C ALA B 201 -26.66 -10.65 -6.23
N ALA B 202 -26.68 -10.09 -5.02
CA ALA B 202 -26.94 -10.84 -3.80
C ALA B 202 -28.39 -10.64 -3.40
N THR B 203 -29.04 -11.73 -3.01
CA THR B 203 -30.38 -11.67 -2.45
C THR B 203 -30.35 -12.31 -1.06
N LEU B 204 -31.30 -11.88 -0.21
CA LEU B 204 -31.33 -12.25 1.20
C LEU B 204 -31.95 -13.63 1.39
N ASP B 205 -31.74 -14.49 0.41
CA ASP B 205 -32.05 -15.91 0.52
C ASP B 205 -30.79 -16.73 0.31
N ASN B 206 -29.66 -16.22 0.81
CA ASN B 206 -28.39 -16.95 0.81
C ASN B 206 -27.93 -17.30 -0.60
N THR B 207 -28.14 -16.40 -1.55
CA THR B 207 -27.90 -16.70 -2.97
C THR B 207 -27.23 -15.51 -3.64
N LEU B 208 -26.17 -15.78 -4.41
CA LEU B 208 -25.58 -14.85 -5.36
C LEU B 208 -25.88 -15.31 -6.77
N LYS B 209 -26.17 -14.37 -7.67
CA LYS B 209 -26.49 -14.70 -9.05
C LYS B 209 -25.72 -13.83 -10.03
N LEU B 210 -25.22 -14.43 -11.09
CA LEU B 210 -24.58 -13.71 -12.18
C LEU B 210 -25.56 -13.62 -13.34
N TRP B 211 -25.94 -12.40 -13.71
CA TRP B 211 -26.94 -12.16 -14.74
C TRP B 211 -26.30 -11.56 -15.99
N ASP B 212 -26.73 -12.03 -17.15
CA ASP B 212 -26.61 -11.24 -18.38
C ASP B 212 -27.81 -10.31 -18.40
N TYR B 213 -27.60 -9.04 -18.03
CA TYR B 213 -28.75 -8.16 -17.81
C TYR B 213 -29.44 -7.77 -19.11
N SER B 214 -28.70 -7.73 -20.22
CA SER B 214 -29.35 -7.40 -21.49
C SER B 214 -30.28 -8.53 -21.93
N LYS B 215 -29.88 -9.78 -21.71
CA LYS B 215 -30.74 -10.92 -22.02
C LYS B 215 -31.74 -11.24 -20.93
N GLY B 216 -31.58 -10.67 -19.74
CA GLY B 216 -32.43 -11.04 -18.62
C GLY B 216 -32.26 -12.49 -18.23
N LYS B 217 -31.04 -13.00 -18.27
CA LYS B 217 -30.77 -14.43 -18.13
C LYS B 217 -29.78 -14.67 -17.01
N CYS B 218 -30.15 -15.55 -16.07
CA CYS B 218 -29.23 -15.91 -15.00
C CYS B 218 -28.28 -16.99 -15.52
N LEU B 219 -26.98 -16.70 -15.49
CA LEU B 219 -25.97 -17.62 -16.00
C LEU B 219 -25.33 -18.47 -14.92
N LYS B 220 -25.19 -17.94 -13.69
CA LYS B 220 -24.53 -18.66 -12.61
C LYS B 220 -25.22 -18.33 -11.29
N THR B 221 -25.22 -19.30 -10.38
CA THR B 221 -25.67 -19.13 -9.01
C THR B 221 -24.60 -19.64 -8.06
N TYR B 222 -24.34 -18.89 -6.99
CA TYR B 222 -23.34 -19.23 -5.99
C TYR B 222 -24.03 -19.32 -4.64
N THR B 223 -23.94 -20.49 -4.00
CA THR B 223 -24.66 -20.76 -2.76
C THR B 223 -23.74 -21.46 -1.76
N GLY B 224 -24.29 -21.71 -0.57
CA GLY B 224 -23.57 -22.36 0.50
C GLY B 224 -23.18 -21.43 1.64
N HIS B 225 -23.18 -20.13 1.40
CA HIS B 225 -22.91 -19.14 2.44
C HIS B 225 -24.22 -18.74 3.11
N LYS B 226 -24.12 -17.85 4.10
CA LYS B 226 -25.29 -17.38 4.84
C LYS B 226 -25.46 -15.88 4.58
N ASN B 227 -26.60 -15.50 4.04
CA ASN B 227 -26.89 -14.07 3.85
C ASN B 227 -28.41 -13.91 3.83
N GLU B 228 -28.98 -13.64 5.00
CA GLU B 228 -30.41 -13.42 5.16
C GLU B 228 -30.74 -12.05 5.75
N LYS B 229 -29.74 -11.25 6.12
CA LYS B 229 -30.02 -10.03 6.87
C LYS B 229 -29.28 -8.81 6.33
N TYR B 230 -27.97 -8.92 6.13
CA TYR B 230 -27.12 -7.75 5.91
C TYR B 230 -26.81 -7.51 4.44
N CYS B 231 -26.48 -6.25 4.14
CA CYS B 231 -25.92 -5.91 2.83
C CYS B 231 -24.45 -6.32 2.87
N ILE B 232 -24.14 -7.45 2.25
CA ILE B 232 -22.79 -8.00 2.21
C ILE B 232 -22.25 -7.82 0.79
N PHE B 233 -21.11 -7.16 0.69
CA PHE B 233 -20.45 -6.95 -0.59
C PHE B 233 -19.98 -8.29 -1.16
N ALA B 234 -20.00 -8.39 -2.48
CA ALA B 234 -19.38 -9.49 -3.19
C ALA B 234 -18.47 -8.91 -4.27
N ASN B 235 -17.52 -9.72 -4.73
CA ASN B 235 -16.46 -9.23 -5.61
C ASN B 235 -16.12 -10.24 -6.69
N PHE B 236 -15.61 -9.72 -7.81
CA PHE B 236 -14.91 -10.50 -8.81
C PHE B 236 -13.41 -10.37 -8.55
N SER B 237 -12.70 -11.50 -8.45
CA SER B 237 -11.26 -11.51 -8.27
C SER B 237 -10.58 -11.65 -9.62
N VAL B 238 -9.78 -10.66 -10.00
CA VAL B 238 -9.28 -10.54 -11.37
C VAL B 238 -7.77 -10.76 -11.47
N THR B 239 -7.09 -11.00 -10.35
CA THR B 239 -5.62 -11.00 -10.35
C THR B 239 -5.00 -12.36 -10.58
N GLY B 240 -5.71 -13.43 -10.20
CA GLY B 240 -5.24 -14.78 -10.39
C GLY B 240 -6.33 -15.63 -11.01
N GLY B 241 -6.76 -16.69 -10.32
CA GLY B 241 -7.90 -17.44 -10.77
C GLY B 241 -9.16 -16.59 -10.74
N LYS B 242 -10.13 -16.96 -11.60
CA LYS B 242 -11.37 -16.20 -11.68
C LYS B 242 -12.31 -16.68 -10.58
N TRP B 243 -12.36 -15.91 -9.49
CA TRP B 243 -13.13 -16.24 -8.31
C TRP B 243 -14.23 -15.21 -8.06
N ILE B 244 -15.28 -15.65 -7.39
CA ILE B 244 -16.25 -14.79 -6.72
C ILE B 244 -15.93 -14.81 -5.23
N VAL B 245 -15.92 -13.64 -4.59
CA VAL B 245 -15.56 -13.52 -3.17
C VAL B 245 -16.70 -12.81 -2.45
N SER B 246 -17.12 -13.34 -1.30
CA SER B 246 -18.16 -12.70 -0.52
C SER B 246 -17.94 -12.94 0.96
N GLY B 247 -18.42 -12.00 1.77
CA GLY B 247 -18.61 -12.26 3.18
C GLY B 247 -19.83 -13.14 3.42
N SER B 248 -20.09 -13.40 4.71
CA SER B 248 -21.15 -14.34 5.06
C SER B 248 -21.50 -14.16 6.53
N GLU B 249 -22.72 -14.51 6.88
CA GLU B 249 -23.20 -14.32 8.24
C GLU B 249 -22.83 -15.47 9.16
N ASP B 250 -22.11 -16.48 8.66
CA ASP B 250 -21.47 -17.49 9.50
C ASP B 250 -20.01 -17.17 9.78
N ASN B 251 -19.62 -15.90 9.64
CA ASN B 251 -18.32 -15.37 10.05
C ASN B 251 -17.18 -15.80 9.14
N LEU B 252 -17.49 -16.30 7.94
CA LEU B 252 -16.48 -16.80 7.02
C LEU B 252 -16.43 -15.95 5.76
N VAL B 253 -15.27 -15.92 5.13
CA VAL B 253 -15.15 -15.44 3.75
C VAL B 253 -15.30 -16.63 2.83
N TYR B 254 -16.23 -16.53 1.87
CA TYR B 254 -16.43 -17.58 0.86
C TYR B 254 -15.79 -17.17 -0.46
N ILE B 255 -15.17 -18.15 -1.12
CA ILE B 255 -14.58 -17.97 -2.44
C ILE B 255 -15.07 -19.10 -3.34
N TRP B 256 -15.63 -18.74 -4.49
CA TRP B 256 -16.18 -19.69 -5.44
C TRP B 256 -15.43 -19.62 -6.76
N ASN B 257 -15.41 -20.75 -7.46
CA ASN B 257 -15.00 -20.75 -8.86
C ASN B 257 -16.08 -20.10 -9.71
N LEU B 258 -15.72 -19.04 -10.44
CA LEU B 258 -16.69 -18.31 -11.25
C LEU B 258 -17.45 -19.22 -12.20
N GLN B 259 -16.72 -20.10 -12.90
CA GLN B 259 -17.31 -20.91 -13.95
C GLN B 259 -18.03 -22.12 -13.38
N THR B 260 -17.40 -22.84 -12.46
CA THR B 260 -18.01 -24.09 -11.99
C THR B 260 -18.97 -23.89 -10.82
N LYS B 261 -18.89 -22.75 -10.13
CA LYS B 261 -19.72 -22.39 -8.98
C LYS B 261 -19.35 -23.18 -7.72
N GLU B 262 -18.30 -23.99 -7.75
CA GLU B 262 -17.89 -24.71 -6.54
C GLU B 262 -17.20 -23.77 -5.55
N ILE B 263 -17.52 -23.94 -4.27
CA ILE B 263 -16.73 -23.29 -3.22
C ILE B 263 -15.31 -23.84 -3.29
N VAL B 264 -14.34 -22.94 -3.42
CA VAL B 264 -12.94 -23.35 -3.49
C VAL B 264 -12.14 -23.00 -2.24
N GLN B 265 -12.61 -22.04 -1.42
CA GLN B 265 -11.98 -21.78 -0.13
C GLN B 265 -12.98 -21.07 0.77
N LYS B 266 -12.86 -21.36 2.07
CA LYS B 266 -13.54 -20.61 3.13
C LYS B 266 -12.48 -20.10 4.09
N LEU B 267 -12.53 -18.82 4.41
CA LEU B 267 -11.51 -18.20 5.26
C LEU B 267 -12.07 -18.00 6.66
N GLN B 268 -11.43 -18.64 7.64
CA GLN B 268 -11.86 -18.65 9.02
C GLN B 268 -10.97 -17.72 9.85
N GLY B 269 -11.59 -16.99 10.77
CA GLY B 269 -10.85 -16.09 11.64
C GLY B 269 -11.69 -15.01 12.30
N HIS B 270 -12.64 -14.43 11.57
CA HIS B 270 -13.48 -13.40 12.15
C HIS B 270 -14.40 -14.00 13.22
N THR B 271 -14.82 -13.14 14.15
CA THR B 271 -15.69 -13.55 15.24
C THR B 271 -17.06 -12.88 15.16
N ASP B 272 -17.40 -12.35 13.99
CA ASP B 272 -18.73 -11.82 13.73
C ASP B 272 -18.96 -11.89 12.22
N VAL B 273 -20.18 -11.52 11.82
CA VAL B 273 -20.56 -11.46 10.41
C VAL B 273 -19.49 -10.75 9.60
N VAL B 274 -19.08 -11.36 8.50
CA VAL B 274 -18.15 -10.72 7.57
C VAL B 274 -18.99 -9.89 6.62
N ILE B 275 -19.07 -8.60 6.91
CA ILE B 275 -19.99 -7.70 6.23
C ILE B 275 -19.42 -7.21 4.91
N SER B 276 -18.11 -7.18 4.76
CA SER B 276 -17.56 -6.60 3.56
C SER B 276 -16.27 -7.31 3.20
N THR B 277 -16.03 -7.47 1.90
CA THR B 277 -14.79 -7.99 1.36
C THR B 277 -14.41 -7.10 0.18
N ALA B 278 -13.11 -7.02 -0.10
CA ALA B 278 -12.59 -6.34 -1.27
C ALA B 278 -11.39 -7.12 -1.81
N CYS B 279 -11.20 -7.06 -3.12
CA CYS B 279 -10.07 -7.72 -3.78
C CYS B 279 -9.10 -6.69 -4.32
N HIS B 280 -7.82 -6.89 -4.01
CA HIS B 280 -6.76 -5.97 -4.42
C HIS B 280 -6.68 -5.91 -5.96
N PRO B 281 -6.37 -4.74 -6.54
CA PRO B 281 -6.41 -4.62 -8.00
C PRO B 281 -5.30 -5.35 -8.75
N THR B 282 -4.16 -5.64 -8.14
CA THR B 282 -3.06 -6.28 -8.87
C THR B 282 -2.49 -7.51 -8.16
N GLU B 283 -2.58 -7.57 -6.85
CA GLU B 283 -2.12 -8.73 -6.10
C GLU B 283 -3.29 -9.59 -5.65
N ASN B 284 -2.99 -10.88 -5.40
CA ASN B 284 -4.00 -11.80 -4.85
C ASN B 284 -4.13 -11.56 -3.36
N ILE B 285 -4.77 -10.43 -3.02
CA ILE B 285 -4.97 -9.99 -1.65
C ILE B 285 -6.45 -9.70 -1.45
N ILE B 286 -7.02 -10.23 -0.37
CA ILE B 286 -8.40 -9.95 0.01
C ILE B 286 -8.38 -9.21 1.34
N ALA B 287 -9.21 -8.17 1.45
CA ALA B 287 -9.54 -7.56 2.73
C ALA B 287 -10.93 -8.01 3.16
N SER B 288 -11.10 -8.34 4.45
CA SER B 288 -12.40 -8.69 4.99
C SER B 288 -12.63 -7.87 6.25
N ALA B 289 -13.90 -7.57 6.56
CA ALA B 289 -14.23 -6.82 7.77
C ALA B 289 -15.48 -7.38 8.40
N ALA B 290 -15.62 -7.15 9.71
CA ALA B 290 -16.67 -7.80 10.48
C ALA B 290 -17.42 -6.82 11.37
N LEU B 291 -18.56 -7.30 11.89
CA LEU B 291 -19.48 -6.51 12.69
C LEU B 291 -18.95 -6.39 14.13
N GLU B 292 -19.78 -5.86 15.03
CA GLU B 292 -19.27 -5.24 16.25
C GLU B 292 -18.74 -6.23 17.30
N ASN B 293 -19.01 -7.53 17.20
CA ASN B 293 -18.32 -8.45 18.12
C ASN B 293 -16.86 -8.60 17.78
N ASP B 294 -16.45 -8.12 16.62
CA ASP B 294 -15.13 -8.30 16.03
C ASP B 294 -14.47 -6.96 15.76
N LYS B 295 -15.07 -6.15 14.88
CA LYS B 295 -14.65 -4.78 14.58
C LYS B 295 -13.30 -4.70 13.88
N THR B 296 -12.73 -5.81 13.43
CA THR B 296 -11.42 -5.77 12.77
C THR B 296 -11.55 -5.99 11.27
N ILE B 297 -10.47 -5.63 10.59
CA ILE B 297 -10.25 -5.90 9.17
C ILE B 297 -9.12 -6.92 9.08
N LYS B 298 -9.27 -7.91 8.21
CA LYS B 298 -8.19 -8.86 7.99
C LYS B 298 -7.72 -8.81 6.55
N LEU B 299 -6.41 -8.93 6.35
CA LEU B 299 -5.78 -8.97 5.04
C LEU B 299 -5.25 -10.37 4.82
N TRP B 300 -5.55 -10.95 3.65
CA TRP B 300 -5.22 -12.33 3.32
C TRP B 300 -4.49 -12.34 1.99
N LYS B 301 -3.54 -13.26 1.84
CA LYS B 301 -2.74 -13.35 0.62
C LYS B 301 -2.71 -14.78 0.10
N SER B 302 -2.79 -14.93 -1.23
CA SER B 302 -2.82 -16.22 -1.90
C SER B 302 -1.77 -16.24 -3.01
N ASP B 303 -1.37 -17.46 -3.39
CA ASP B 303 -0.46 -17.62 -4.52
C ASP B 303 -1.18 -17.56 -5.86
N CYS B 304 -2.50 -17.69 -5.87
CA CYS B 304 -3.26 -17.66 -7.12
C CYS B 304 -4.69 -17.22 -6.86
C10 Q8M C . 9.68 20.59 -0.13
C13 Q8M C . 7.31 20.90 0.33
C01 Q8M C . 7.57 13.43 6.09
C02 Q8M C . 8.70 13.94 5.45
C03 Q8M C . 8.62 14.26 4.10
C04 Q8M C . 7.45 14.08 3.37
C05 Q8M C . 6.33 13.57 4.02
C06 Q8M C . 6.38 13.25 5.38
C07 Q8M C . 7.29 17.77 1.10
C08 Q8M C . 6.49 16.91 1.78
C09 Q8M C . 6.41 18.70 2.87
C11 Q8M C . 9.43 19.97 1.25
C12 Q8M C . 7.93 20.22 1.56
C14 Q8M C . 8.31 20.70 -0.80
N01 Q8M C . 6.16 15.59 1.48
N02 Q8M C . 7.24 18.93 1.82
N03 Q8M C . 5.94 17.48 2.87
O01 Q8M C . 5.15 13.40 3.32
O02 Q8M C . 8.62 15.06 1.29
O03 Q8M C . 6.95 13.33 0.91
S01 Q8M C . 7.37 14.49 1.63
BR1 Q8M C . 10.31 14.20 6.37
CL1 Q8M C . 5.01 12.62 6.19
C10 Q8M D . -20.32 -16.23 -17.08
C13 Q8M D . -18.80 -16.65 -18.98
C01 Q8M D . -12.49 -12.16 -13.51
C02 Q8M D . -13.76 -12.53 -13.12
C03 Q8M D . -14.83 -12.28 -13.98
C04 Q8M D . -14.67 -11.65 -15.21
C05 Q8M D . -13.39 -11.28 -15.59
C06 Q8M D . -12.30 -11.53 -14.74
C07 Q8M D . -17.37 -14.16 -17.66
C08 Q8M D . -16.18 -13.53 -17.65
C09 Q8M D . -15.71 -15.58 -17.69
C11 Q8M D . -18.95 -16.60 -16.49
C12 Q8M D . -17.97 -16.65 -17.68
C14 Q8M D . -20.25 -16.40 -18.60
N01 Q8M D . -15.89 -12.17 -17.66
N02 Q8M D . -17.07 -15.48 -17.67
N03 Q8M D . -15.14 -14.40 -17.68
O01 Q8M D . -13.18 -10.65 -16.80
O02 Q8M D . -17.26 -11.83 -15.58
O03 Q8M D . -16.15 -9.97 -16.59
S01 Q8M D . -16.10 -11.35 -16.25
BR1 Q8M D . -14.03 -13.40 -11.47
CL1 Q8M D . -10.69 -11.08 -15.19
#